data_4KV1
#
_entry.id   4KV1
#
_cell.length_a   42.011
_cell.length_b   59.733
_cell.length_c   118.889
_cell.angle_alpha   90.00
_cell.angle_beta   90.00
_cell.angle_gamma   90.00
#
_symmetry.space_group_name_H-M   'P 21 21 21'
#
loop_
_entity.id
_entity.type
_entity.pdbx_description
1 polymer 'Bromodomain-containing protein 4'
2 polymer 'Rel peptide'
3 water water
#
loop_
_entity_poly.entity_id
_entity_poly.type
_entity_poly.pdbx_seq_one_letter_code
_entity_poly.pdbx_strand_id
1 'polypeptide(L)'
;ASMNPPPPETSNPNKPKRQTNQLQYLLRVVLKTLWKHQFAWPFQQPVDAVKLNLPDYYKIIKTPMDMGTIKKRLENNYYW
NAQECIQDFNTMFTNCYIYNKPGDDIVLMAEALEKLFLQKINELPTEE
;
A,B
2 'polypeptide(L)' TF(ALY)SIMK C,D
#
# COMPACT_ATOMS: atom_id res chain seq x y z
N ALA A 1 -32.34 -2.43 -6.80
CA ALA A 1 -31.02 -3.03 -6.70
C ALA A 1 -30.64 -3.29 -5.24
N SER A 2 -29.82 -4.32 -5.02
CA SER A 2 -29.37 -4.64 -3.67
C SER A 2 -27.85 -4.80 -3.58
N MET A 3 -27.22 -5.19 -4.68
CA MET A 3 -25.79 -5.50 -4.68
C MET A 3 -24.91 -4.27 -4.55
N ASN A 4 -23.73 -4.47 -3.96
CA ASN A 4 -22.71 -3.42 -3.96
C ASN A 4 -22.14 -3.31 -5.36
N PRO A 5 -21.73 -2.10 -5.75
CA PRO A 5 -20.96 -1.93 -6.98
C PRO A 5 -19.56 -2.46 -6.79
N PRO A 6 -18.80 -2.63 -7.88
CA PRO A 6 -17.38 -2.92 -7.70
C PRO A 6 -16.73 -1.75 -6.98
N PRO A 7 -15.67 -2.01 -6.20
CA PRO A 7 -15.00 -0.92 -5.48
C PRO A 7 -14.26 -0.02 -6.47
N PRO A 8 -13.98 1.22 -6.08
CA PRO A 8 -13.28 2.12 -6.99
C PRO A 8 -11.93 1.55 -7.38
N GLU A 9 -11.53 1.81 -8.62
CA GLU A 9 -10.21 1.40 -9.11
C GLU A 9 -9.10 1.99 -8.23
N THR A 10 -8.07 1.19 -7.93
CA THR A 10 -6.97 1.66 -7.10
C THR A 10 -5.63 1.59 -7.84
N SER A 11 -5.62 0.95 -9.00
CA SER A 11 -4.41 0.81 -9.80
C SER A 11 -4.72 0.84 -11.29
N ASN A 12 -3.87 1.53 -12.05
CA ASN A 12 -3.97 1.55 -13.50
C ASN A 12 -2.60 1.77 -14.11
N PRO A 13 -1.99 0.71 -14.66
CA PRO A 13 -0.63 0.79 -15.19
C PRO A 13 -0.51 1.75 -16.38
N ASN A 14 -1.64 2.12 -16.99
CA ASN A 14 -1.63 3.02 -18.14
C ASN A 14 -1.46 4.50 -17.75
N LYS A 15 -1.71 4.81 -16.49
CA LYS A 15 -1.57 6.19 -16.00
C LYS A 15 -0.12 6.52 -15.64
N PRO A 16 0.39 7.68 -16.08
CA PRO A 16 1.74 8.05 -15.70
C PRO A 16 1.86 8.19 -14.18
N LYS A 17 3.06 7.96 -13.66
CA LYS A 17 3.32 7.98 -12.23
C LYS A 17 4.45 8.95 -11.89
N ARG A 18 4.31 9.63 -10.76
CA ARG A 18 5.40 10.45 -10.25
C ARG A 18 5.37 10.51 -8.73
N GLN A 19 6.54 10.74 -8.14
CA GLN A 19 6.63 10.99 -6.71
C GLN A 19 6.77 12.49 -6.47
N THR A 20 5.97 13.02 -5.54
CA THR A 20 6.05 14.42 -5.20
C THR A 20 6.03 14.55 -3.69
N ASN A 21 6.56 15.64 -3.16
CA ASN A 21 6.58 15.80 -1.72
C ASN A 21 5.17 15.91 -1.14
N GLN A 22 4.25 16.49 -1.90
CA GLN A 22 2.86 16.58 -1.45
C GLN A 22 2.16 15.21 -1.40
N LEU A 23 2.38 14.38 -2.42
CA LEU A 23 1.81 13.03 -2.40
C LEU A 23 2.39 12.20 -1.25
N GLN A 24 3.69 12.33 -1.02
CA GLN A 24 4.33 11.64 0.10
C GLN A 24 3.71 12.08 1.43
N TYR A 25 3.52 13.38 1.57
CA TYR A 25 2.91 13.94 2.78
C TYR A 25 1.51 13.39 2.98
N LEU A 26 0.75 13.29 1.90
CA LEU A 26 -0.62 12.81 1.97
C LEU A 26 -0.71 11.38 2.50
N LEU A 27 0.26 10.54 2.13
CA LEU A 27 0.31 9.16 2.62
C LEU A 27 0.91 9.08 4.02
N ARG A 28 2.10 9.66 4.19
CA ARG A 28 2.87 9.50 5.42
C ARG A 28 2.27 10.24 6.61
N VAL A 29 1.64 11.39 6.34
CA VAL A 29 1.10 12.22 7.41
C VAL A 29 -0.42 12.23 7.45
N VAL A 30 -1.05 12.60 6.34
CA VAL A 30 -2.51 12.78 6.37
C VAL A 30 -3.25 11.46 6.51
N LEU A 31 -3.06 10.55 5.56
CA LEU A 31 -3.74 9.27 5.59
C LEU A 31 -3.43 8.52 6.87
N LYS A 32 -2.15 8.44 7.22
CA LYS A 32 -1.76 7.66 8.41
C LYS A 32 -2.36 8.22 9.70
N THR A 33 -2.32 9.55 9.86
CA THR A 33 -2.88 10.18 11.05
C THR A 33 -4.38 9.91 11.16
N LEU A 34 -5.11 10.03 10.06
CA LEU A 34 -6.54 9.76 10.06
C LEU A 34 -6.81 8.28 10.34
N TRP A 35 -5.98 7.42 9.77
CA TRP A 35 -6.20 5.99 9.90
C TRP A 35 -6.23 5.53 11.35
N LYS A 36 -5.39 6.15 12.19
CA LYS A 36 -5.26 5.72 13.57
C LYS A 36 -6.23 6.42 14.52
N HIS A 37 -7.04 7.32 13.99
CA HIS A 37 -8.04 7.98 14.79
C HIS A 37 -9.07 6.94 15.26
N GLN A 38 -9.55 7.10 16.48
CA GLN A 38 -10.47 6.11 17.04
C GLN A 38 -11.75 5.95 16.24
N PHE A 39 -12.13 6.99 15.49
CA PHE A 39 -13.38 6.96 14.73
C PHE A 39 -13.14 6.65 13.26
N ALA A 40 -11.94 6.19 12.91
CA ALA A 40 -11.61 5.97 11.51
C ALA A 40 -12.27 4.72 10.89
N TRP A 41 -12.56 3.72 11.71
CA TRP A 41 -12.91 2.41 11.16
C TRP A 41 -14.09 2.37 10.16
N PRO A 42 -15.13 3.21 10.34
CA PRO A 42 -16.21 3.11 9.36
C PRO A 42 -15.79 3.60 7.99
N PHE A 43 -14.63 4.26 7.93
CA PHE A 43 -14.14 4.88 6.70
C PHE A 43 -12.94 4.16 6.10
N GLN A 44 -12.60 3.01 6.68
CA GLN A 44 -11.39 2.29 6.23
C GLN A 44 -11.61 1.32 5.08
N GLN A 45 -12.85 1.19 4.61
CA GLN A 45 -13.19 0.28 3.53
C GLN A 45 -14.48 0.77 2.87
N PRO A 46 -14.74 0.32 1.64
CA PRO A 46 -16.00 0.68 0.97
C PRO A 46 -17.21 0.32 1.81
N VAL A 47 -18.27 1.11 1.70
CA VAL A 47 -19.49 0.80 2.42
C VAL A 47 -20.08 -0.50 1.87
N ASP A 48 -20.21 -1.50 2.75
CA ASP A 48 -20.83 -2.76 2.35
C ASP A 48 -22.31 -2.66 2.66
N ALA A 49 -23.08 -2.19 1.68
CA ALA A 49 -24.48 -1.90 1.88
C ALA A 49 -25.31 -3.18 1.94
N VAL A 50 -24.76 -4.30 1.49
CA VAL A 50 -25.42 -5.59 1.65
C VAL A 50 -25.34 -6.01 3.13
N LYS A 51 -24.12 -6.06 3.67
CA LYS A 51 -23.91 -6.42 5.07
C LYS A 51 -24.70 -5.52 6.01
N LEU A 52 -24.73 -4.23 5.71
CA LEU A 52 -25.43 -3.25 6.56
C LEU A 52 -26.93 -3.17 6.27
N ASN A 53 -27.39 -3.92 5.27
CA ASN A 53 -28.81 -3.89 4.88
C ASN A 53 -29.29 -2.47 4.59
N LEU A 54 -28.57 -1.79 3.70
CA LEU A 54 -28.92 -0.44 3.27
C LEU A 54 -29.07 -0.40 1.75
N PRO A 55 -30.17 -0.96 1.23
CA PRO A 55 -30.34 -1.05 -0.23
C PRO A 55 -30.39 0.31 -0.93
N ASP A 56 -30.67 1.38 -0.20
CA ASP A 56 -30.70 2.70 -0.84
C ASP A 56 -29.34 3.40 -0.84
N TYR A 57 -28.33 2.82 -0.19
CA TYR A 57 -27.06 3.53 -0.10
C TYR A 57 -26.49 3.89 -1.47
N TYR A 58 -26.41 2.90 -2.37
CA TYR A 58 -25.86 3.14 -3.70
C TYR A 58 -26.90 3.64 -4.71
N LYS A 59 -28.10 3.94 -4.21
CA LYS A 59 -29.07 4.70 -4.99
C LYS A 59 -28.88 6.20 -4.73
N ILE A 60 -28.40 6.52 -3.54
CA ILE A 60 -28.15 7.90 -3.12
C ILE A 60 -26.71 8.35 -3.39
N ILE A 61 -25.76 7.43 -3.13
CA ILE A 61 -24.35 7.74 -3.29
C ILE A 61 -23.80 7.09 -4.57
N LYS A 62 -23.53 7.92 -5.58
CA LYS A 62 -23.10 7.42 -6.88
C LYS A 62 -21.59 7.61 -7.11
N THR A 63 -20.93 8.34 -6.21
CA THR A 63 -19.48 8.43 -6.24
C THR A 63 -18.95 7.98 -4.89
N PRO A 64 -19.03 6.67 -4.60
CA PRO A 64 -18.51 6.21 -3.30
C PRO A 64 -17.01 6.41 -3.18
N MET A 65 -16.54 6.59 -1.95
CA MET A 65 -15.11 6.74 -1.70
C MET A 65 -14.84 6.47 -0.23
N ASP A 66 -13.67 5.92 0.07
CA ASP A 66 -13.31 5.54 1.43
C ASP A 66 -11.79 5.62 1.59
N MET A 67 -11.29 5.61 2.83
CA MET A 67 -9.86 5.75 3.07
C MET A 67 -9.05 4.53 2.66
N GLY A 68 -9.66 3.35 2.64
CA GLY A 68 -8.94 2.18 2.16
C GLY A 68 -8.56 2.35 0.70
N THR A 69 -9.52 2.79 -0.09
CA THR A 69 -9.31 3.10 -1.50
C THR A 69 -8.28 4.22 -1.70
N ILE A 70 -8.38 5.28 -0.92
CA ILE A 70 -7.43 6.39 -1.00
C ILE A 70 -6.01 5.92 -0.70
N LYS A 71 -5.88 5.14 0.37
CA LYS A 71 -4.57 4.63 0.78
C LYS A 71 -3.96 3.80 -0.34
N LYS A 72 -4.75 2.88 -0.90
CA LYS A 72 -4.24 2.03 -1.98
C LYS A 72 -3.90 2.86 -3.22
N ARG A 73 -4.67 3.90 -3.50
CA ARG A 73 -4.37 4.75 -4.65
C ARG A 73 -3.01 5.41 -4.45
N LEU A 74 -2.75 5.93 -3.26
CA LEU A 74 -1.45 6.53 -2.98
C LEU A 74 -0.33 5.51 -3.14
N GLU A 75 -0.52 4.33 -2.55
CA GLU A 75 0.49 3.28 -2.63
C GLU A 75 0.75 2.80 -4.06
N ASN A 76 -0.28 2.82 -4.91
CA ASN A 76 -0.14 2.45 -6.33
C ASN A 76 0.22 3.63 -7.24
N ASN A 77 0.58 4.77 -6.67
CA ASN A 77 0.88 5.96 -7.48
C ASN A 77 -0.22 6.32 -8.47
N TYR A 78 -1.47 6.13 -8.05
CA TYR A 78 -2.62 6.36 -8.90
C TYR A 78 -2.89 7.85 -9.13
N TYR A 79 -2.47 8.65 -8.16
CA TYR A 79 -2.67 10.10 -8.22
C TYR A 79 -1.42 10.81 -8.75
N TRP A 80 -1.64 11.69 -9.73
CA TRP A 80 -0.57 12.54 -10.27
C TRP A 80 -0.52 13.87 -9.49
N ASN A 81 -1.70 14.35 -9.10
CA ASN A 81 -1.84 15.62 -8.37
C ASN A 81 -2.38 15.39 -6.97
N ALA A 82 -1.78 16.07 -5.99
CA ALA A 82 -2.27 16.02 -4.61
C ALA A 82 -3.76 16.37 -4.55
N GLN A 83 -4.18 17.29 -5.40
CA GLN A 83 -5.57 17.72 -5.42
C GLN A 83 -6.54 16.57 -5.69
N GLU A 84 -6.11 15.56 -6.46
CA GLU A 84 -6.98 14.42 -6.74
C GLU A 84 -7.27 13.65 -5.45
N CYS A 85 -6.25 13.53 -4.63
CA CYS A 85 -6.36 12.82 -3.35
C CYS A 85 -7.25 13.59 -2.38
N ILE A 86 -6.99 14.90 -2.27
CA ILE A 86 -7.80 15.77 -1.42
C ILE A 86 -9.27 15.72 -1.83
N GLN A 87 -9.52 15.72 -3.14
CA GLN A 87 -10.88 15.59 -3.64
C GLN A 87 -11.54 14.29 -3.19
N ASP A 88 -10.79 13.20 -3.21
CA ASP A 88 -11.36 11.92 -2.76
C ASP A 88 -11.74 11.96 -1.27
N PHE A 89 -10.89 12.56 -0.45
CA PHE A 89 -11.22 12.72 0.97
C PHE A 89 -12.50 13.55 1.10
N ASN A 90 -12.59 14.63 0.34
CA ASN A 90 -13.79 15.46 0.45
C ASN A 90 -15.06 14.74 0.01
N THR A 91 -14.95 13.92 -1.04
CA THR A 91 -16.05 13.10 -1.49
C THR A 91 -16.49 12.12 -0.39
N MET A 92 -15.52 11.49 0.27
CA MET A 92 -15.83 10.59 1.38
C MET A 92 -16.64 11.28 2.46
N PHE A 93 -16.18 12.45 2.90
CA PHE A 93 -16.88 13.15 3.98
C PHE A 93 -18.27 13.61 3.52
N THR A 94 -18.35 14.23 2.34
CA THR A 94 -19.65 14.70 1.87
C THR A 94 -20.65 13.55 1.63
N ASN A 95 -20.17 12.40 1.16
CA ASN A 95 -21.07 11.26 1.02
C ASN A 95 -21.71 10.90 2.36
N CYS A 96 -20.90 10.92 3.41
CA CYS A 96 -21.40 10.59 4.74
C CYS A 96 -22.49 11.58 5.17
N TYR A 97 -22.24 12.86 4.94
CA TYR A 97 -23.22 13.89 5.33
C TYR A 97 -24.49 13.85 4.47
N ILE A 98 -24.33 13.49 3.20
CA ILE A 98 -25.48 13.35 2.31
C ILE A 98 -26.36 12.15 2.68
N TYR A 99 -25.75 11.00 2.94
CA TYR A 99 -26.52 9.79 3.18
C TYR A 99 -27.18 9.75 4.57
N ASN A 100 -26.42 10.16 5.58
CA ASN A 100 -26.89 10.08 6.96
C ASN A 100 -27.53 11.41 7.38
N LYS A 101 -28.00 11.49 8.61
CA LYS A 101 -28.62 12.74 9.04
C LYS A 101 -27.80 13.39 10.12
N PRO A 102 -27.90 14.72 10.21
CA PRO A 102 -27.05 15.54 11.08
C PRO A 102 -26.79 14.93 12.46
N GLY A 103 -27.81 14.38 13.11
CA GLY A 103 -27.65 13.93 14.50
C GLY A 103 -27.05 12.55 14.71
N ASP A 104 -26.76 11.85 13.61
CA ASP A 104 -26.30 10.47 13.69
C ASP A 104 -24.87 10.35 14.21
N ASP A 105 -24.60 9.32 14.99
CA ASP A 105 -23.24 9.09 15.48
C ASP A 105 -22.22 8.97 14.34
N ILE A 106 -22.62 8.38 13.22
CA ILE A 106 -21.66 8.24 12.11
C ILE A 106 -21.24 9.62 11.58
N VAL A 107 -22.15 10.58 11.60
CA VAL A 107 -21.82 11.94 11.18
C VAL A 107 -20.87 12.60 12.16
N LEU A 108 -21.11 12.40 13.46
CA LEU A 108 -20.19 12.86 14.49
C LEU A 108 -18.78 12.30 14.26
N MET A 109 -18.69 11.02 13.94
CA MET A 109 -17.41 10.38 13.64
C MET A 109 -16.75 11.02 12.42
N ALA A 110 -17.53 11.23 11.37
CA ALA A 110 -16.98 11.83 10.16
C ALA A 110 -16.50 13.24 10.45
N GLU A 111 -17.27 14.00 11.24
CA GLU A 111 -16.89 15.38 11.52
C GLU A 111 -15.56 15.46 12.28
N ALA A 112 -15.35 14.50 13.17
CA ALA A 112 -14.10 14.46 13.92
C ALA A 112 -12.92 14.19 13.00
N LEU A 113 -13.08 13.20 12.13
CA LEU A 113 -12.05 12.88 11.15
C LEU A 113 -11.80 14.07 10.23
N GLU A 114 -12.87 14.72 9.79
CA GLU A 114 -12.72 15.86 8.88
C GLU A 114 -11.95 17.02 9.52
N LYS A 115 -12.21 17.28 10.80
CA LYS A 115 -11.50 18.35 11.50
C LYS A 115 -10.00 18.09 11.48
N LEU A 116 -9.63 16.85 11.73
CA LEU A 116 -8.22 16.44 11.75
C LEU A 116 -7.64 16.53 10.34
N PHE A 117 -8.42 16.07 9.36
CA PHE A 117 -8.01 16.18 7.95
C PHE A 117 -7.68 17.62 7.60
N LEU A 118 -8.57 18.55 7.93
CA LEU A 118 -8.35 19.95 7.56
C LEU A 118 -7.11 20.53 8.23
N GLN A 119 -6.88 20.15 9.49
CA GLN A 119 -5.68 20.57 10.20
C GLN A 119 -4.43 20.12 9.44
N LYS A 120 -4.40 18.87 9.03
CA LYS A 120 -3.25 18.32 8.30
C LYS A 120 -3.09 18.92 6.90
N ILE A 121 -4.21 19.14 6.21
CA ILE A 121 -4.17 19.78 4.90
C ILE A 121 -3.74 21.25 4.98
N ASN A 122 -4.09 21.95 6.05
CA ASN A 122 -3.64 23.33 6.22
C ASN A 122 -2.13 23.42 6.38
N GLU A 123 -1.51 22.29 6.73
CA GLU A 123 -0.06 22.18 6.90
C GLU A 123 0.64 21.50 5.72
N LEU A 124 -0.08 21.36 4.61
CA LEU A 124 0.47 20.77 3.38
C LEU A 124 1.72 21.51 2.93
N PRO A 125 2.82 20.78 2.72
CA PRO A 125 4.09 21.44 2.39
C PRO A 125 4.04 22.10 1.02
N THR A 126 4.70 23.25 0.90
CA THR A 126 4.86 23.89 -0.39
C THR A 126 5.52 22.89 -1.32
N GLU A 127 5.08 22.84 -2.57
CA GLU A 127 5.69 21.95 -3.55
C GLU A 127 7.19 22.19 -3.62
N GLU A 128 7.96 21.10 -3.69
CA GLU A 128 9.41 21.19 -3.84
C GLU A 128 9.80 21.22 -5.30
N THR B 1 -27.09 4.61 14.68
CA THR B 1 -27.53 3.60 13.71
C THR B 1 -26.50 2.50 13.53
N PHE B 2 -26.86 1.44 12.80
CA PHE B 2 -25.96 0.32 12.58
C PHE B 2 -24.68 0.72 11.87
N SER B 4 -22.76 3.11 12.53
CA SER B 4 -21.72 3.52 13.47
C SER B 4 -21.31 2.38 14.41
N ILE B 5 -21.86 1.20 14.22
CA ILE B 5 -21.51 0.06 15.09
C ILE B 5 -21.00 -1.19 14.38
N MET B 6 -21.18 -1.26 13.05
CA MET B 6 -20.61 -2.37 12.28
C MET B 6 -20.18 -1.91 10.90
N LYS B 7 -19.32 -2.68 10.26
CA LYS B 7 -18.88 -2.42 8.89
C LYS B 7 -18.86 -3.71 8.08
N MET C 3 -4.42 -20.71 -9.53
CA MET C 3 -3.04 -21.17 -9.39
C MET C 3 -2.11 -20.01 -9.06
N ASN C 4 -0.94 -20.34 -8.53
CA ASN C 4 0.13 -19.34 -8.43
C ASN C 4 0.71 -19.11 -9.81
N PRO C 5 1.20 -17.89 -10.05
CA PRO C 5 1.98 -17.59 -11.26
C PRO C 5 3.38 -18.16 -11.09
N PRO C 6 4.12 -18.31 -12.20
CA PRO C 6 5.52 -18.67 -12.06
C PRO C 6 6.21 -17.57 -11.30
N PRO C 7 7.32 -17.89 -10.62
CA PRO C 7 8.06 -16.84 -9.92
C PRO C 7 8.70 -15.85 -10.87
N PRO C 8 9.12 -14.68 -10.37
CA PRO C 8 9.72 -13.68 -11.27
C PRO C 8 11.00 -14.21 -11.92
N GLU C 9 11.31 -13.74 -13.12
CA GLU C 9 12.54 -14.11 -13.79
C GLU C 9 13.72 -13.68 -12.92
N THR C 10 14.79 -14.47 -12.92
CA THR C 10 15.95 -14.15 -12.09
C THR C 10 17.27 -14.17 -12.85
N SER C 11 17.26 -14.70 -14.07
CA SER C 11 18.50 -14.82 -14.84
C SER C 11 18.18 -14.60 -16.30
N ASN C 12 18.95 -13.73 -16.93
CA ASN C 12 18.78 -13.47 -18.34
C ASN C 12 20.12 -13.22 -18.98
N PRO C 13 20.70 -14.25 -19.61
CA PRO C 13 22.04 -14.13 -20.18
C PRO C 13 22.11 -13.11 -21.32
N ASN C 14 20.97 -12.64 -21.83
CA ASN C 14 20.99 -11.65 -22.89
C ASN C 14 21.21 -10.23 -22.36
N LYS C 15 21.00 -10.04 -21.06
CA LYS C 15 21.23 -8.73 -20.44
C LYS C 15 22.70 -8.59 -20.10
N PRO C 16 23.27 -7.40 -20.35
CA PRO C 16 24.68 -7.18 -20.06
C PRO C 16 24.92 -7.29 -18.56
N LYS C 17 26.15 -7.62 -18.17
CA LYS C 17 26.48 -7.81 -16.77
C LYS C 17 27.65 -6.94 -16.34
N ARG C 18 27.60 -6.46 -15.11
CA ARG C 18 28.76 -5.79 -14.52
C ARG C 18 28.75 -5.99 -13.01
N GLN C 19 29.95 -6.12 -12.46
CA GLN C 19 30.08 -6.26 -11.03
C GLN C 19 30.55 -4.93 -10.47
N THR C 20 29.80 -4.41 -9.50
CA THR C 20 30.07 -3.08 -8.96
C THR C 20 30.01 -3.11 -7.45
N ASN C 21 30.69 -2.18 -6.80
CA ASN C 21 30.69 -2.17 -5.35
C ASN C 21 29.30 -1.96 -4.75
N GLN C 22 28.44 -1.21 -5.44
CA GLN C 22 27.07 -1.02 -4.95
C GLN C 22 26.25 -2.31 -5.03
N LEU C 23 26.36 -3.04 -6.12
CA LEU C 23 25.66 -4.31 -6.24
C LEU C 23 26.17 -5.32 -5.23
N GLN C 24 27.49 -5.33 -4.99
CA GLN C 24 28.07 -6.23 -4.02
C GLN C 24 27.55 -5.90 -2.63
N TYR C 25 27.43 -4.61 -2.33
CA TYR C 25 26.90 -4.16 -1.04
C TYR C 25 25.44 -4.61 -0.88
N LEU C 26 24.66 -4.48 -1.95
CA LEU C 26 23.27 -4.89 -1.89
C LEU C 26 23.11 -6.38 -1.57
N LEU C 27 24.03 -7.21 -2.05
CA LEU C 27 23.96 -8.65 -1.75
C LEU C 27 24.59 -8.99 -0.41
N ARG C 28 25.82 -8.55 -0.20
CA ARG C 28 26.60 -8.97 0.95
C ARG C 28 26.19 -8.30 2.25
N VAL C 29 25.59 -7.10 2.15
CA VAL C 29 25.16 -6.37 3.33
C VAL C 29 23.63 -6.25 3.44
N VAL C 30 22.99 -5.68 2.42
CA VAL C 30 21.55 -5.41 2.53
C VAL C 30 20.74 -6.70 2.52
N LEU C 31 20.88 -7.51 1.49
CA LEU C 31 20.11 -8.75 1.41
C LEU C 31 20.45 -9.67 2.58
N LYS C 32 21.73 -9.83 2.88
CA LYS C 32 22.18 -10.69 3.97
C LYS C 32 21.53 -10.29 5.31
N THR C 33 21.59 -8.99 5.62
CA THR C 33 21.06 -8.51 6.90
C THR C 33 19.54 -8.66 7.01
N LEU C 34 18.80 -8.32 5.95
CA LEU C 34 17.35 -8.48 5.99
C LEU C 34 16.98 -9.96 6.09
N TRP C 35 17.70 -10.81 5.37
CA TRP C 35 17.39 -12.25 5.37
C TRP C 35 17.40 -12.86 6.76
N LYS C 36 18.35 -12.39 7.59
CA LYS C 36 18.57 -12.96 8.91
C LYS C 36 17.68 -12.34 9.99
N HIS C 37 16.93 -11.32 9.62
CA HIS C 37 16.02 -10.66 10.56
C HIS C 37 14.93 -11.62 11.03
N GLN C 38 14.53 -11.51 12.30
CA GLN C 38 13.56 -12.44 12.85
C GLN C 38 12.21 -12.42 12.12
N PHE C 39 11.89 -11.32 11.44
CA PHE C 39 10.63 -11.20 10.72
C PHE C 39 10.74 -11.44 9.21
N ALA C 40 11.85 -12.00 8.77
CA ALA C 40 12.09 -12.11 7.33
C ALA C 40 11.33 -13.20 6.61
N TRP C 41 10.95 -14.27 7.29
CA TRP C 41 10.50 -15.47 6.57
C TRP C 41 9.33 -15.29 5.59
N PRO C 42 8.34 -14.41 5.91
CA PRO C 42 7.25 -14.31 4.93
C PRO C 42 7.71 -13.68 3.63
N PHE C 43 8.91 -13.11 3.65
CA PHE C 43 9.44 -12.34 2.52
C PHE C 43 10.56 -13.05 1.79
N GLN C 44 10.86 -14.28 2.19
CA GLN C 44 12.01 -15.01 1.63
C GLN C 44 11.72 -15.80 0.35
N GLN C 45 10.46 -15.83 -0.06
CA GLN C 45 10.02 -16.57 -1.25
C GLN C 45 8.72 -15.96 -1.76
N PRO C 46 8.35 -16.25 -3.01
CA PRO C 46 7.08 -15.71 -3.51
C PRO C 46 5.89 -16.10 -2.63
N VAL C 47 4.89 -15.24 -2.58
CA VAL C 47 3.67 -15.55 -1.86
C VAL C 47 2.99 -16.77 -2.49
N ASP C 48 2.76 -17.80 -1.69
CA ASP C 48 2.08 -19.01 -2.15
C ASP C 48 0.60 -18.84 -1.84
N ALA C 49 -0.12 -18.23 -2.78
CA ALA C 49 -1.53 -17.88 -2.58
C ALA C 49 -2.42 -19.11 -2.52
N VAL C 50 -1.97 -20.19 -3.17
CA VAL C 50 -2.69 -21.47 -3.07
C VAL C 50 -2.60 -22.05 -1.66
N LYS C 51 -1.38 -22.18 -1.14
CA LYS C 51 -1.19 -22.69 0.22
C LYS C 51 -1.92 -21.85 1.27
N LEU C 52 -1.88 -20.53 1.10
CA LEU C 52 -2.47 -19.62 2.07
C LEU C 52 -3.96 -19.37 1.85
N ASN C 53 -4.53 -19.94 0.79
CA ASN C 53 -5.93 -19.71 0.47
C ASN C 53 -6.25 -18.24 0.27
N LEU C 54 -5.46 -17.59 -0.59
CA LEU C 54 -5.65 -16.18 -0.91
C LEU C 54 -5.91 -16.04 -2.42
N PRO C 55 -7.11 -16.43 -2.87
CA PRO C 55 -7.40 -16.43 -4.30
C PRO C 55 -7.33 -15.04 -4.93
N ASP C 56 -7.39 -13.99 -4.12
CA ASP C 56 -7.34 -12.64 -4.63
C ASP C 56 -5.95 -12.04 -4.68
N TYR C 57 -4.96 -12.74 -4.13
CA TYR C 57 -3.64 -12.13 -4.01
C TYR C 57 -3.10 -11.67 -5.36
N TYR C 58 -3.15 -12.56 -6.35
CA TYR C 58 -2.59 -12.25 -7.67
C TYR C 58 -3.58 -11.53 -8.59
N LYS C 59 -4.78 -11.25 -8.07
CA LYS C 59 -5.70 -10.33 -8.74
C LYS C 59 -5.32 -8.90 -8.37
N ILE C 60 -4.81 -8.73 -7.16
CA ILE C 60 -4.47 -7.42 -6.61
C ILE C 60 -3.01 -7.06 -6.83
N ILE C 61 -2.14 -8.06 -6.73
CA ILE C 61 -0.70 -7.86 -6.86
C ILE C 61 -0.23 -8.39 -8.22
N LYS C 62 -0.01 -7.47 -9.16
CA LYS C 62 0.45 -7.84 -10.50
C LYS C 62 1.95 -7.70 -10.67
N THR C 63 2.63 -7.14 -9.67
CA THR C 63 4.09 -7.07 -9.70
C THR C 63 4.65 -7.66 -8.41
N PRO C 64 4.47 -8.97 -8.24
CA PRO C 64 5.00 -9.62 -7.03
C PRO C 64 6.52 -9.54 -6.97
N MET C 65 7.05 -9.55 -5.76
CA MET C 65 8.50 -9.52 -5.58
C MET C 65 8.80 -10.01 -4.19
N ASP C 66 9.95 -10.65 -4.00
CA ASP C 66 10.31 -11.25 -2.73
C ASP C 66 11.83 -11.31 -2.64
N MET C 67 12.36 -11.56 -1.44
CA MET C 67 13.82 -11.53 -1.27
C MET C 67 14.52 -12.74 -1.86
N GLY C 68 13.83 -13.86 -2.00
CA GLY C 68 14.44 -15.00 -2.68
C GLY C 68 14.77 -14.65 -4.11
N THR C 69 13.85 -13.96 -4.76
CA THR C 69 14.04 -13.51 -6.14
C THR C 69 15.14 -12.46 -6.20
N ILE C 70 15.16 -11.52 -5.27
CA ILE C 70 16.18 -10.48 -5.28
C ILE C 70 17.58 -11.09 -5.08
N LYS C 71 17.70 -12.02 -4.13
CA LYS C 71 18.96 -12.76 -3.93
C LYS C 71 19.45 -13.37 -5.23
N LYS C 72 18.57 -14.10 -5.92
CA LYS C 72 18.95 -14.71 -7.19
C LYS C 72 19.31 -13.68 -8.26
N ARG C 73 18.55 -12.58 -8.33
CA ARG C 73 18.85 -11.54 -9.32
C ARG C 73 20.25 -10.98 -9.09
N LEU C 74 20.59 -10.71 -7.83
CA LEU C 74 21.94 -10.22 -7.54
C LEU C 74 23.00 -11.26 -7.94
N GLU C 75 22.75 -12.52 -7.62
CA GLU C 75 23.71 -13.59 -7.92
C GLU C 75 23.91 -13.79 -9.41
N ASN C 76 22.86 -13.54 -10.18
CA ASN C 76 22.93 -13.74 -11.62
C ASN C 76 23.22 -12.46 -12.40
N ASN C 77 23.64 -11.40 -11.71
CA ASN C 77 23.99 -10.13 -12.36
C ASN C 77 22.84 -9.59 -13.21
N TYR C 78 21.62 -9.79 -12.73
CA TYR C 78 20.40 -9.37 -13.43
C TYR C 78 20.27 -7.84 -13.49
N TYR C 79 20.75 -7.16 -12.47
CA TYR C 79 20.61 -5.71 -12.39
C TYR C 79 21.87 -5.03 -12.93
N TRP C 80 21.67 -3.98 -13.71
CA TRP C 80 22.79 -3.15 -14.14
C TRP C 80 23.08 -2.07 -13.09
N ASN C 81 22.02 -1.58 -12.46
CA ASN C 81 22.09 -0.47 -11.50
C ASN C 81 21.54 -0.86 -10.14
N ALA C 82 22.13 -0.30 -9.10
CA ALA C 82 21.64 -0.51 -7.75
C ALA C 82 20.19 -0.06 -7.63
N GLN C 83 19.81 1.00 -8.34
CA GLN C 83 18.45 1.49 -8.23
C GLN C 83 17.41 0.46 -8.66
N GLU C 84 17.76 -0.42 -9.60
CA GLU C 84 16.84 -1.47 -10.03
C GLU C 84 16.57 -2.44 -8.89
N CYS C 85 17.60 -2.76 -8.13
CA CYS C 85 17.48 -3.66 -6.99
C CYS C 85 16.68 -2.98 -5.87
N ILE C 86 17.01 -1.72 -5.60
CA ILE C 86 16.28 -0.96 -4.59
C ILE C 86 14.79 -0.92 -4.94
N GLN C 87 14.47 -0.74 -6.21
CA GLN C 87 13.08 -0.75 -6.64
C GLN C 87 12.41 -2.07 -6.31
N ASP C 88 13.12 -3.19 -6.49
CA ASP C 88 12.51 -4.48 -6.16
C ASP C 88 12.17 -4.60 -4.68
N PHE C 89 13.09 -4.17 -3.81
CA PHE C 89 12.80 -4.15 -2.38
C PHE C 89 11.57 -3.29 -2.10
N ASN C 90 11.52 -2.08 -2.68
CA ASN C 90 10.39 -1.20 -2.45
C ASN C 90 9.07 -1.80 -2.94
N THR C 91 9.12 -2.48 -4.08
CA THR C 91 7.94 -3.15 -4.61
C THR C 91 7.45 -4.22 -3.64
N MET C 92 8.38 -5.01 -3.11
CA MET C 92 8.04 -6.01 -2.12
C MET C 92 7.30 -5.41 -0.92
N PHE C 93 7.85 -4.36 -0.34
CA PHE C 93 7.20 -3.72 0.80
C PHE C 93 5.83 -3.15 0.41
N THR C 94 5.78 -2.41 -0.70
CA THR C 94 4.51 -1.83 -1.15
C THR C 94 3.43 -2.90 -1.36
N ASN C 95 3.79 -4.02 -1.97
CA ASN C 95 2.83 -5.10 -2.16
C ASN C 95 2.20 -5.52 -0.84
N CYS C 96 3.03 -5.66 0.18
CA CYS C 96 2.54 -6.07 1.49
C CYS C 96 1.55 -5.04 2.05
N TYR C 97 1.89 -3.76 1.89
CA TYR C 97 1.04 -2.69 2.41
C TYR C 97 -0.29 -2.55 1.63
N ILE C 98 -0.26 -2.82 0.33
CA ILE C 98 -1.46 -2.79 -0.48
C ILE C 98 -2.40 -3.95 -0.17
N TYR C 99 -1.85 -5.15 -0.03
CA TYR C 99 -2.66 -6.34 0.13
C TYR C 99 -3.25 -6.52 1.53
N ASN C 100 -2.42 -6.27 2.54
CA ASN C 100 -2.80 -6.57 3.91
C ASN C 100 -3.37 -5.35 4.64
N LYS C 101 -4.21 -5.59 5.64
CA LYS C 101 -4.80 -4.50 6.40
C LYS C 101 -3.72 -3.81 7.23
N PRO C 102 -3.67 -2.47 7.21
CA PRO C 102 -2.71 -1.80 8.08
C PRO C 102 -2.81 -2.28 9.53
N GLY C 103 -1.68 -2.45 10.20
CA GLY C 103 -1.70 -2.89 11.58
C GLY C 103 -1.70 -4.41 11.76
N ASP C 104 -2.00 -5.15 10.68
CA ASP C 104 -1.90 -6.62 10.71
C ASP C 104 -0.47 -6.97 11.08
N ASP C 105 -0.26 -8.10 11.75
CA ASP C 105 1.10 -8.53 12.09
C ASP C 105 2.04 -8.58 10.87
N ILE C 106 1.55 -9.08 9.74
CA ILE C 106 2.39 -9.18 8.53
C ILE C 106 2.89 -7.80 8.12
N VAL C 107 2.05 -6.78 8.30
CA VAL C 107 2.45 -5.42 7.96
C VAL C 107 3.50 -4.89 8.94
N LEU C 108 3.34 -5.19 10.23
CA LEU C 108 4.35 -4.83 11.21
C LEU C 108 5.70 -5.48 10.88
N MET C 109 5.65 -6.72 10.39
CA MET C 109 6.86 -7.44 10.01
C MET C 109 7.54 -6.74 8.84
N ALA C 110 6.78 -6.41 7.81
CA ALA C 110 7.31 -5.68 6.66
C ALA C 110 7.88 -4.32 7.10
N GLU C 111 7.17 -3.62 7.99
CA GLU C 111 7.63 -2.32 8.43
C GLU C 111 8.97 -2.40 9.16
N ALA C 112 9.16 -3.46 9.93
CA ALA C 112 10.42 -3.64 10.64
C ALA C 112 11.55 -3.87 9.64
N LEU C 113 11.29 -4.69 8.62
CA LEU C 113 12.31 -4.95 7.62
C LEU C 113 12.62 -3.69 6.83
N GLU C 114 11.58 -2.92 6.52
CA GLU C 114 11.76 -1.70 5.74
C GLU C 114 12.58 -0.67 6.49
N LYS C 115 12.34 -0.54 7.79
CA LYS C 115 13.14 0.35 8.62
C LYS C 115 14.63 0.01 8.49
N LEU C 116 14.94 -1.28 8.57
CA LEU C 116 16.32 -1.75 8.48
C LEU C 116 16.87 -1.52 7.07
N PHE C 117 16.05 -1.81 6.08
CA PHE C 117 16.42 -1.58 4.69
C PHE C 117 16.81 -0.12 4.44
N LEU C 118 15.98 0.81 4.89
CA LEU C 118 16.23 2.21 4.62
C LEU C 118 17.52 2.67 5.27
N GLN C 119 17.79 2.18 6.47
CA GLN C 119 19.03 2.48 7.16
C GLN C 119 20.23 2.01 6.32
N LYS C 120 20.17 0.78 5.83
CA LYS C 120 21.26 0.23 5.04
C LYS C 120 21.43 0.97 3.71
N ILE C 121 20.34 1.44 3.12
CA ILE C 121 20.44 2.19 1.88
C ILE C 121 21.05 3.57 2.09
N ASN C 122 20.77 4.19 3.24
CA ASN C 122 21.41 5.46 3.58
C ASN C 122 22.92 5.32 3.60
N GLU C 123 23.39 4.10 3.89
CA GLU C 123 24.82 3.82 3.99
C GLU C 123 25.38 3.18 2.72
N LEU C 124 24.62 3.24 1.62
CA LEU C 124 25.08 2.74 0.33
C LEU C 124 26.39 3.42 -0.07
N PRO C 125 27.45 2.63 -0.31
CA PRO C 125 28.74 3.22 -0.67
C PRO C 125 28.66 3.96 -1.99
N THR C 126 29.45 5.01 -2.15
CA THR C 126 29.50 5.70 -3.42
C THR C 126 30.15 4.78 -4.45
N GLU C 127 29.79 4.97 -5.72
CA GLU C 127 30.34 4.17 -6.80
C GLU C 127 31.86 4.32 -6.86
N GLU C 128 32.55 3.20 -7.03
CA GLU C 128 34.01 3.19 -7.18
C GLU C 128 34.43 3.23 -8.65
N THR D 1 -3.06 -12.67 11.06
CA THR D 1 -3.76 -13.42 10.02
C THR D 1 -2.95 -14.65 9.64
N PHE D 2 -3.54 -15.53 8.85
CA PHE D 2 -2.85 -16.75 8.46
C PHE D 2 -1.54 -16.43 7.76
N SER D 4 0.67 -14.33 8.48
CA SER D 4 1.81 -14.11 9.36
C SER D 4 2.17 -15.32 10.24
N ILE D 5 1.43 -16.43 10.08
CA ILE D 5 1.69 -17.63 10.88
C ILE D 5 1.87 -18.93 10.08
N MET D 6 1.41 -18.95 8.83
CA MET D 6 1.49 -20.15 8.00
C MET D 6 2.72 -20.13 7.13
N LYS D 7 3.69 -21.00 7.44
CA LYS D 7 4.89 -21.09 6.65
C LYS D 7 4.73 -22.13 5.53
#